data_5EOT
#
_entry.id   5EOT
#
_cell.length_a   56.516
_cell.length_b   79.358
_cell.length_c   57.255
_cell.angle_alpha   90.00
_cell.angle_beta   115.97
_cell.angle_gamma   90.00
#
_symmetry.space_group_name_H-M   'P 1 21 1'
#
loop_
_entity.id
_entity.type
_entity.pdbx_description
1 polymer 'HLA class I histocompatibility antigen, A-2 alpha chain'
2 polymer Beta-2-microglobulin
3 polymer 'Peptide G13E'
4 water water
#
loop_
_entity_poly.entity_id
_entity_poly.type
_entity_poly.pdbx_seq_one_letter_code
_entity_poly.pdbx_strand_id
1 'polypeptide(L)'
;SHSMRYFFTSVSRPGRGEPRFIAVGYVDDTQFVRFDSDAASQRMEPRAPWIEQEGPEYWDGETRKVKAHSQTHRVDLGTL
RGYYNQSEAGSHTVQRMYGCDVGSDWRFLRGYHQYAYDGKDYIALKEDLRSWTAADMAAQTTKHKWEAAHVAEQLRAYLE
GTCVEWLRRYLENGKETLQRTDAPKTHMTHHAVSDHEATLRCWALSFYPAEITLTWQRDGEDQTQDTELVETRPAGDGTF
QKWAAVVVPSGQEQRYTCHVQHEGLPKPLTLRW
;
A
2 'polypeptide(L)'
;MIQRTPKIQVYSRHPAENGKSNFLNCYVSGFHPSDIEVDLLKNGERIEKVEHSDLSFSKDWSFYLLYYTEFTPTEKDEYA
CRVNHVTLSQPKIVKWDRDM
;
B
3 'polypeptide(L)' GLLPELPAVGG C
#
# COMPACT_ATOMS: atom_id res chain seq x y z
N SER A 1 2.09 10.51 16.28
CA SER A 1 0.82 10.27 15.52
C SER A 1 0.68 8.82 15.03
N HIS A 2 -0.53 8.27 15.15
CA HIS A 2 -0.82 6.89 14.74
C HIS A 2 -2.14 6.79 13.99
N SER A 3 -2.34 5.70 13.27
CA SER A 3 -3.56 5.52 12.51
C SER A 3 -3.98 4.06 12.39
N MET A 4 -5.30 3.87 12.34
CA MET A 4 -5.90 2.58 11.98
C MET A 4 -6.72 2.79 10.72
N ARG A 5 -6.48 1.97 9.71
CA ARG A 5 -7.23 2.03 8.45
C ARG A 5 -7.60 0.64 7.99
N TYR A 6 -8.79 0.54 7.39
CA TYR A 6 -9.24 -0.66 6.72
C TYR A 6 -9.47 -0.35 5.24
N PHE A 7 -9.01 -1.24 4.37
CA PHE A 7 -9.13 -1.10 2.92
C PHE A 7 -9.97 -2.25 2.37
N PHE A 8 -10.90 -1.94 1.48
CA PHE A 8 -11.85 -2.93 0.96
C PHE A 8 -11.92 -2.79 -0.55
N THR A 9 -11.80 -3.91 -1.25
CA THR A 9 -11.89 -3.96 -2.68
C THR A 9 -12.79 -5.12 -3.05
N SER A 10 -13.78 -4.83 -3.89
CA SER A 10 -14.68 -5.83 -4.44
C SER A 10 -14.65 -5.74 -5.95
N VAL A 11 -14.41 -6.85 -6.63
CA VAL A 11 -14.41 -6.93 -8.08
C VAL A 11 -15.48 -7.91 -8.58
N SER A 12 -16.47 -7.41 -9.34
CA SER A 12 -17.53 -8.27 -9.86
C SER A 12 -16.98 -9.21 -10.92
N ARG A 13 -17.61 -10.37 -11.01
CA ARG A 13 -17.18 -11.44 -11.89
C ARG A 13 -18.40 -11.87 -12.72
N PRO A 14 -18.67 -11.17 -13.83
CA PRO A 14 -19.88 -11.39 -14.64
C PRO A 14 -20.00 -12.81 -15.21
N GLY A 15 -18.88 -13.45 -15.51
CA GLY A 15 -18.89 -14.80 -16.05
C GLY A 15 -19.62 -15.78 -15.14
N ARG A 16 -19.24 -15.78 -13.87
CA ARG A 16 -19.81 -16.70 -12.91
C ARG A 16 -19.52 -16.29 -11.48
N GLY A 17 -20.55 -16.39 -10.64
CA GLY A 17 -20.37 -16.29 -9.21
C GLY A 17 -20.36 -14.89 -8.66
N GLU A 18 -19.97 -14.78 -7.40
CA GLU A 18 -20.05 -13.53 -6.67
C GLU A 18 -18.72 -12.80 -6.73
N PRO A 19 -18.71 -11.52 -6.34
CA PRO A 19 -17.47 -10.75 -6.52
C PRO A 19 -16.30 -11.24 -5.69
N ARG A 20 -15.08 -10.96 -6.14
CA ARG A 20 -13.87 -11.13 -5.34
C ARG A 20 -13.78 -9.97 -4.36
N PHE A 21 -13.70 -10.29 -3.07
CA PHE A 21 -13.68 -9.32 -1.99
C PHE A 21 -12.40 -9.54 -1.18
N ILE A 22 -11.65 -8.46 -1.00
CA ILE A 22 -10.41 -8.48 -0.24
C ILE A 22 -10.45 -7.31 0.72
N ALA A 23 -10.33 -7.62 2.01
CA ALA A 23 -10.27 -6.61 3.07
C ALA A 23 -8.94 -6.72 3.79
N VAL A 24 -8.29 -5.59 4.05
CA VAL A 24 -7.06 -5.56 4.85
C VAL A 24 -7.13 -4.45 5.87
N GLY A 25 -6.51 -4.68 7.03
CA GLY A 25 -6.47 -3.71 8.10
C GLY A 25 -5.04 -3.37 8.42
N TYR A 26 -4.78 -2.11 8.74
CA TYR A 26 -3.45 -1.61 9.08
C TYR A 26 -3.48 -0.82 10.36
N VAL A 27 -2.42 -0.92 11.15
CA VAL A 27 -2.06 0.11 12.10
C VAL A 27 -0.79 0.73 11.54
N ASP A 28 -0.83 2.04 11.32
CA ASP A 28 0.21 2.76 10.60
C ASP A 28 0.58 2.00 9.31
N ASP A 29 1.82 1.54 9.19
CA ASP A 29 2.27 0.82 7.98
C ASP A 29 2.40 -0.68 8.19
N THR A 30 1.71 -1.19 9.21
CA THR A 30 1.74 -2.60 9.54
C THR A 30 0.36 -3.20 9.29
N GLN A 31 0.28 -4.09 8.31
CA GLN A 31 -0.95 -4.85 8.09
C GLN A 31 -1.11 -5.83 9.25
N PHE A 32 -2.31 -5.86 9.85
CA PHE A 32 -2.56 -6.74 10.98
C PHE A 32 -3.71 -7.73 10.82
N VAL A 33 -4.63 -7.48 9.89
CA VAL A 33 -5.68 -8.46 9.54
C VAL A 33 -5.96 -8.49 8.03
N ARG A 34 -6.55 -9.59 7.58
CA ARG A 34 -7.00 -9.74 6.21
C ARG A 34 -8.24 -10.61 6.11
N PHE A 35 -9.02 -10.37 5.06
CA PHE A 35 -10.05 -11.30 4.61
C PHE A 35 -9.95 -11.40 3.11
N ASP A 36 -10.03 -12.61 2.59
CA ASP A 36 -10.06 -12.83 1.16
C ASP A 36 -11.17 -13.83 0.88
N SER A 37 -12.12 -13.45 0.04
CA SER A 37 -13.27 -14.31 -0.30
C SER A 37 -12.84 -15.60 -1.01
N ASP A 38 -11.69 -15.57 -1.71
CA ASP A 38 -11.12 -16.75 -2.36
C ASP A 38 -10.24 -17.66 -1.46
N ALA A 39 -9.94 -17.26 -0.22
CA ALA A 39 -9.16 -18.12 0.68
C ALA A 39 -10.07 -19.15 1.35
N ALA A 40 -9.46 -20.16 1.96
CA ALA A 40 -10.16 -21.34 2.45
C ALA A 40 -10.96 -21.11 3.74
N SER A 41 -10.42 -20.30 4.63
CA SER A 41 -10.96 -20.17 5.99
C SER A 41 -12.32 -19.47 6.06
N GLN A 42 -12.54 -18.46 5.21
CA GLN A 42 -13.71 -17.59 5.31
C GLN A 42 -13.79 -16.90 6.67
N ARG A 43 -12.63 -16.61 7.26
CA ARG A 43 -12.53 -15.90 8.53
C ARG A 43 -11.66 -14.67 8.33
N MET A 44 -11.87 -13.65 9.14
CA MET A 44 -10.83 -12.64 9.33
C MET A 44 -9.61 -13.38 9.90
N GLU A 45 -8.44 -13.18 9.28
CA GLU A 45 -7.21 -13.87 9.69
C GLU A 45 -6.19 -12.87 10.22
N PRO A 46 -5.34 -13.30 11.18
CA PRO A 46 -4.27 -12.44 11.67
C PRO A 46 -3.10 -12.34 10.70
N ARG A 47 -2.46 -11.17 10.66
CA ARG A 47 -1.23 -10.96 9.89
C ARG A 47 -0.11 -10.27 10.69
N ALA A 48 -0.28 -10.15 12.02
CA ALA A 48 0.80 -9.73 12.90
C ALA A 48 0.64 -10.46 14.23
N PRO A 49 1.77 -10.82 14.89
CA PRO A 49 1.72 -11.60 16.14
C PRO A 49 0.86 -10.98 17.25
N TRP A 50 0.94 -9.66 17.40
CA TRP A 50 0.23 -8.97 18.49
C TRP A 50 -1.30 -8.99 18.43
N ILE A 51 -1.89 -9.20 17.25
CA ILE A 51 -3.35 -9.39 17.13
C ILE A 51 -3.77 -10.83 17.49
N GLU A 52 -2.86 -11.79 17.38
CA GLU A 52 -3.18 -13.20 17.73
C GLU A 52 -3.51 -13.39 19.20
N GLN A 53 -3.06 -12.48 20.05
CA GLN A 53 -3.48 -12.40 21.47
C GLN A 53 -5.00 -12.37 21.66
N GLU A 54 -5.71 -11.78 20.70
CA GLU A 54 -7.17 -11.64 20.80
C GLU A 54 -7.85 -12.99 20.84
N GLY A 55 -8.84 -13.13 21.73
CA GLY A 55 -9.57 -14.37 21.93
C GLY A 55 -10.64 -14.66 20.87
N PRO A 56 -11.32 -15.82 20.99
CA PRO A 56 -12.33 -16.28 20.01
C PRO A 56 -13.47 -15.31 19.71
N GLU A 57 -13.88 -14.53 20.71
CA GLU A 57 -15.02 -13.62 20.54
C GLU A 57 -14.64 -12.42 19.63
N TYR A 58 -13.37 -12.01 19.66
CA TYR A 58 -12.84 -11.01 18.71
C TYR A 58 -12.92 -11.53 17.26
N TRP A 59 -12.38 -12.74 17.04
CA TRP A 59 -12.32 -13.30 15.69
C TRP A 59 -13.69 -13.64 15.12
N ASP A 60 -14.61 -14.11 15.97
CA ASP A 60 -16.00 -14.37 15.54
C ASP A 60 -16.70 -13.08 15.16
N GLY A 61 -16.52 -12.05 15.97
CA GLY A 61 -17.09 -10.73 15.71
C GLY A 61 -16.55 -10.10 14.43
N GLU A 62 -15.23 -10.13 14.26
CA GLU A 62 -14.60 -9.52 13.08
C GLU A 62 -14.94 -10.27 11.82
N THR A 63 -15.06 -11.59 11.93
CA THR A 63 -15.51 -12.42 10.81
C THR A 63 -16.94 -12.08 10.44
N ARG A 64 -17.83 -12.00 11.43
CA ARG A 64 -19.23 -11.61 11.20
C ARG A 64 -19.30 -10.24 10.53
N LYS A 65 -18.53 -9.28 11.04
CA LYS A 65 -18.55 -7.92 10.50
C LYS A 65 -17.96 -7.88 9.10
N VAL A 66 -16.83 -8.52 8.88
CA VAL A 66 -16.21 -8.49 7.55
C VAL A 66 -17.08 -9.15 6.45
N LYS A 67 -17.81 -10.21 6.80
CA LYS A 67 -18.75 -10.86 5.88
C LYS A 67 -19.93 -9.95 5.55
N ALA A 68 -20.45 -9.26 6.56
CA ALA A 68 -21.49 -8.24 6.34
C ALA A 68 -20.97 -7.11 5.42
N HIS A 69 -19.72 -6.70 5.62
CA HIS A 69 -19.04 -5.77 4.69
C HIS A 69 -18.97 -6.29 3.25
N SER A 70 -18.64 -7.57 3.12
CA SER A 70 -18.59 -8.26 1.83
C SER A 70 -19.92 -8.16 1.08
N GLN A 71 -21.02 -8.44 1.78
CA GLN A 71 -22.36 -8.40 1.19
C GLN A 71 -22.79 -6.97 0.83
N THR A 72 -22.43 -6.00 1.65
CA THR A 72 -22.72 -4.60 1.32
C THR A 72 -22.05 -4.21 0.00
N HIS A 73 -20.79 -4.59 -0.18
CA HIS A 73 -20.07 -4.29 -1.42
C HIS A 73 -20.62 -5.03 -2.62
N ARG A 74 -21.10 -6.26 -2.44
CA ARG A 74 -21.78 -6.99 -3.52
C ARG A 74 -23.01 -6.22 -3.97
N VAL A 75 -23.86 -5.86 -3.01
CA VAL A 75 -25.07 -5.09 -3.28
C VAL A 75 -24.72 -3.74 -3.92
N ASP A 76 -23.70 -3.06 -3.40
CA ASP A 76 -23.22 -1.80 -3.98
C ASP A 76 -22.87 -1.91 -5.47
N LEU A 77 -22.15 -2.98 -5.83
CA LEU A 77 -21.80 -3.20 -7.23
C LEU A 77 -23.06 -3.27 -8.12
N GLY A 78 -24.11 -3.90 -7.61
CA GLY A 78 -25.39 -3.97 -8.34
C GLY A 78 -26.03 -2.61 -8.46
N THR A 79 -26.11 -1.90 -7.34
CA THR A 79 -26.65 -0.56 -7.28
C THR A 79 -25.98 0.39 -8.27
N LEU A 80 -24.64 0.38 -8.28
CA LEU A 80 -23.87 1.29 -9.13
C LEU A 80 -23.92 0.95 -10.63
N ARG A 81 -24.02 -0.33 -10.93
CA ARG A 81 -24.22 -0.78 -12.31
C ARG A 81 -25.51 -0.15 -12.89
N GLY A 82 -26.59 -0.19 -12.10
CA GLY A 82 -27.83 0.53 -12.41
C GLY A 82 -27.67 2.04 -12.54
N TYR A 83 -27.13 2.68 -11.50
CA TYR A 83 -26.95 4.15 -11.51
C TYR A 83 -26.18 4.67 -12.72
N TYR A 84 -25.17 3.90 -13.16
CA TYR A 84 -24.33 4.27 -14.31
C TYR A 84 -24.76 3.65 -15.64
N ASN A 85 -25.90 2.95 -15.65
CA ASN A 85 -26.52 2.43 -16.87
C ASN A 85 -25.59 1.47 -17.61
N GLN A 86 -24.94 0.59 -16.86
CA GLN A 86 -23.98 -0.35 -17.41
C GLN A 86 -24.63 -1.73 -17.54
N SER A 87 -24.09 -2.52 -18.47
CA SER A 87 -24.59 -3.88 -18.68
C SER A 87 -24.07 -4.82 -17.60
N GLU A 88 -24.64 -6.03 -17.59
CA GLU A 88 -24.18 -7.08 -16.70
C GLU A 88 -22.91 -7.79 -17.19
N ALA A 89 -22.45 -7.48 -18.41
CA ALA A 89 -21.34 -8.20 -19.01
C ALA A 89 -19.95 -7.79 -18.49
N GLY A 90 -19.78 -6.54 -18.03
CA GLY A 90 -18.45 -6.03 -17.65
C GLY A 90 -18.11 -6.26 -16.19
N SER A 91 -16.82 -6.41 -15.89
CA SER A 91 -16.33 -6.45 -14.51
C SER A 91 -16.13 -5.03 -14.00
N HIS A 92 -16.59 -4.75 -12.78
CA HIS A 92 -16.39 -3.44 -12.15
C HIS A 92 -15.84 -3.57 -10.73
N THR A 93 -15.33 -2.44 -10.21
CA THR A 93 -14.63 -2.39 -8.93
C THR A 93 -15.22 -1.33 -8.01
N VAL A 94 -15.48 -1.71 -6.76
CA VAL A 94 -15.76 -0.75 -5.69
C VAL A 94 -14.60 -0.81 -4.70
N GLN A 95 -14.19 0.37 -4.23
CA GLN A 95 -13.15 0.49 -3.20
C GLN A 95 -13.66 1.39 -2.08
N ARG A 96 -13.32 1.02 -0.86
CA ARG A 96 -13.71 1.78 0.32
C ARG A 96 -12.57 1.75 1.31
N MET A 97 -12.29 2.91 1.90
CA MET A 97 -11.32 3.04 2.95
C MET A 97 -11.96 3.85 4.06
N TYR A 98 -11.80 3.40 5.31
CA TYR A 98 -12.15 4.20 6.48
C TYR A 98 -11.17 4.00 7.62
N GLY A 99 -11.23 4.90 8.59
CA GLY A 99 -10.41 4.78 9.78
C GLY A 99 -10.13 6.10 10.47
N CYS A 100 -9.24 6.05 11.46
CA CYS A 100 -8.97 7.19 12.32
C CYS A 100 -7.47 7.42 12.53
N ASP A 101 -7.11 8.68 12.75
CA ASP A 101 -5.79 9.09 13.19
C ASP A 101 -5.89 9.63 14.61
N VAL A 102 -4.89 9.32 15.43
CA VAL A 102 -4.71 9.97 16.74
C VAL A 102 -3.39 10.72 16.73
N GLY A 103 -3.31 11.74 17.56
CA GLY A 103 -2.14 12.62 17.60
C GLY A 103 -1.10 12.07 18.55
N SER A 104 -0.07 12.86 18.81
CA SER A 104 0.97 12.53 19.79
C SER A 104 0.35 12.28 21.17
N ASP A 105 -0.69 13.04 21.48
CA ASP A 105 -1.47 12.84 22.71
C ASP A 105 -2.36 11.58 22.78
N TRP A 106 -2.31 10.71 21.77
CA TRP A 106 -3.16 9.51 21.64
C TRP A 106 -4.68 9.79 21.58
N ARG A 107 -5.05 11.05 21.34
CA ARG A 107 -6.46 11.48 21.27
C ARG A 107 -6.87 11.62 19.81
N PHE A 108 -8.17 11.49 19.54
CA PHE A 108 -8.72 11.62 18.20
C PHE A 108 -8.18 12.87 17.49
N LEU A 109 -7.74 12.67 16.25
CA LEU A 109 -7.22 13.74 15.42
C LEU A 109 -8.05 13.90 14.15
N ARG A 110 -8.24 12.81 13.40
CA ARG A 110 -9.01 12.85 12.14
C ARG A 110 -9.67 11.51 11.89
N GLY A 111 -10.78 11.55 11.15
CA GLY A 111 -11.50 10.35 10.69
C GLY A 111 -11.72 10.41 9.19
N TYR A 112 -11.82 9.24 8.56
CA TYR A 112 -12.05 9.12 7.12
C TYR A 112 -13.09 8.04 6.84
N HIS A 113 -13.86 8.27 5.78
CA HIS A 113 -14.71 7.23 5.19
C HIS A 113 -14.98 7.63 3.75
N GLN A 114 -14.28 7.01 2.81
CA GLN A 114 -14.38 7.37 1.40
C GLN A 114 -14.52 6.16 0.51
N TYR A 115 -14.96 6.40 -0.72
CA TYR A 115 -15.47 5.37 -1.61
C TYR A 115 -15.15 5.74 -3.04
N ALA A 116 -14.69 4.76 -3.83
CA ALA A 116 -14.51 4.92 -5.27
C ALA A 116 -15.21 3.82 -6.04
N TYR A 117 -15.69 4.16 -7.24
CA TYR A 117 -16.22 3.20 -8.21
C TYR A 117 -15.36 3.25 -9.44
N ASP A 118 -14.95 2.07 -9.90
CA ASP A 118 -14.03 1.92 -11.03
C ASP A 118 -12.84 2.89 -10.98
N GLY A 119 -12.29 3.02 -9.77
CA GLY A 119 -11.11 3.81 -9.52
C GLY A 119 -11.26 5.32 -9.56
N LYS A 120 -12.50 5.83 -9.51
CA LYS A 120 -12.77 7.27 -9.49
C LYS A 120 -13.48 7.60 -8.20
N ASP A 121 -13.21 8.78 -7.64
CA ASP A 121 -13.91 9.22 -6.42
C ASP A 121 -15.41 9.12 -6.64
N TYR A 122 -16.10 8.56 -5.66
CA TYR A 122 -17.54 8.46 -5.68
C TYR A 122 -18.08 9.37 -4.58
N ILE A 123 -17.84 9.02 -3.32
CA ILE A 123 -18.29 9.82 -2.20
C ILE A 123 -17.26 9.74 -1.07
N ALA A 124 -17.08 10.84 -0.34
CA ALA A 124 -16.14 10.92 0.78
C ALA A 124 -16.75 11.68 1.93
N LEU A 125 -16.56 11.19 3.13
CA LEU A 125 -16.94 11.93 4.33
C LEU A 125 -15.90 13.03 4.49
N LYS A 126 -16.34 14.26 4.75
CA LYS A 126 -15.38 15.38 4.89
C LYS A 126 -14.81 15.42 6.29
N GLU A 127 -13.78 16.23 6.47
CA GLU A 127 -13.03 16.27 7.72
C GLU A 127 -13.93 16.52 8.94
N ASP A 128 -14.95 17.37 8.81
CA ASP A 128 -15.91 17.60 9.91
C ASP A 128 -16.76 16.40 10.33
N LEU A 129 -16.70 15.31 9.56
CA LEU A 129 -17.48 14.10 9.83
C LEU A 129 -18.98 14.39 9.91
N ARG A 130 -19.41 15.46 9.24
CA ARG A 130 -20.81 15.89 9.23
C ARG A 130 -21.33 16.20 7.82
N SER A 131 -20.49 16.07 6.80
CA SER A 131 -20.89 16.42 5.45
C SER A 131 -20.14 15.55 4.44
N TRP A 132 -20.67 15.53 3.23
CA TRP A 132 -20.23 14.61 2.20
C TRP A 132 -19.79 15.33 0.92
N THR A 133 -18.73 14.81 0.31
CA THR A 133 -18.29 15.23 -0.99
C THR A 133 -18.78 14.17 -1.97
N ALA A 134 -19.77 14.52 -2.78
CA ALA A 134 -20.27 13.66 -3.85
C ALA A 134 -19.65 14.16 -5.15
N ALA A 135 -18.92 13.28 -5.84
CA ALA A 135 -18.22 13.67 -7.06
C ALA A 135 -19.13 13.92 -8.26
N ASP A 136 -20.20 13.13 -8.40
CA ASP A 136 -21.10 13.20 -9.55
C ASP A 136 -22.58 12.99 -9.15
N MET A 137 -23.47 12.91 -10.12
CA MET A 137 -24.91 12.85 -9.81
C MET A 137 -25.36 11.50 -9.28
N ALA A 138 -24.64 10.43 -9.61
CA ALA A 138 -24.84 9.13 -8.99
C ALA A 138 -24.53 9.22 -7.50
N ALA A 139 -23.37 9.79 -7.16
CA ALA A 139 -22.99 9.94 -5.76
C ALA A 139 -23.90 10.87 -4.98
N GLN A 140 -24.47 11.88 -5.64
CA GLN A 140 -25.45 12.78 -5.01
C GLN A 140 -26.68 12.05 -4.51
N THR A 141 -27.10 11.04 -5.26
CA THR A 141 -28.17 10.14 -4.84
C THR A 141 -27.80 9.44 -3.52
N THR A 142 -26.59 8.89 -3.46
CA THR A 142 -26.10 8.25 -2.25
C THR A 142 -25.99 9.27 -1.12
N LYS A 143 -25.53 10.49 -1.44
CA LYS A 143 -25.45 11.57 -0.45
C LYS A 143 -26.82 11.89 0.18
N HIS A 144 -27.84 12.09 -0.65
CA HIS A 144 -29.19 12.40 -0.11
C HIS A 144 -29.71 11.23 0.74
N LYS A 145 -29.45 10.01 0.29
CA LYS A 145 -29.85 8.83 1.06
C LYS A 145 -29.18 8.80 2.43
N TRP A 146 -27.86 8.99 2.43
CA TRP A 146 -27.06 8.94 3.66
C TRP A 146 -27.37 10.09 4.62
N GLU A 147 -27.69 11.27 4.10
CA GLU A 147 -28.10 12.39 4.94
C GLU A 147 -29.47 12.17 5.61
N ALA A 148 -30.42 11.61 4.86
CA ALA A 148 -31.73 11.23 5.42
C ALA A 148 -31.65 10.13 6.50
N ALA A 149 -30.79 9.14 6.29
CA ALA A 149 -30.57 8.07 7.28
C ALA A 149 -29.53 8.39 8.38
N HIS A 150 -28.99 9.60 8.41
CA HIS A 150 -28.03 10.03 9.46
C HIS A 150 -26.83 9.10 9.57
N VAL A 151 -26.25 8.76 8.41
CA VAL A 151 -25.08 7.88 8.36
C VAL A 151 -23.86 8.55 8.98
N ALA A 152 -23.66 9.84 8.67
CA ALA A 152 -22.54 10.61 9.21
C ALA A 152 -22.43 10.51 10.73
N GLU A 153 -23.55 10.68 11.44
CA GLU A 153 -23.56 10.61 12.90
C GLU A 153 -23.14 9.23 13.40
N GLN A 154 -23.61 8.18 12.74
CA GLN A 154 -23.23 6.79 13.07
C GLN A 154 -21.74 6.55 12.86
N LEU A 155 -21.21 7.06 11.75
CA LEU A 155 -19.79 6.92 11.42
C LEU A 155 -18.92 7.73 12.40
N ARG A 156 -19.35 8.95 12.67
CA ARG A 156 -18.70 9.84 13.65
C ARG A 156 -18.54 9.15 15.00
N ALA A 157 -19.59 8.49 15.47
CA ALA A 157 -19.58 7.74 16.74
C ALA A 157 -18.49 6.67 16.74
N TYR A 158 -18.36 5.92 15.65
CA TYR A 158 -17.28 4.94 15.50
C TYR A 158 -15.93 5.64 15.41
N LEU A 159 -15.81 6.57 14.47
CA LEU A 159 -14.53 7.19 14.12
C LEU A 159 -13.88 8.01 15.25
N GLU A 160 -14.71 8.70 16.04
CA GLU A 160 -14.25 9.48 17.20
C GLU A 160 -14.14 8.65 18.47
N GLY A 161 -14.79 7.50 18.50
CA GLY A 161 -14.93 6.69 19.73
C GLY A 161 -14.31 5.32 19.59
N THR A 162 -15.11 4.37 19.10
CA THR A 162 -14.70 2.98 19.01
C THR A 162 -13.40 2.76 18.22
N CYS A 163 -13.28 3.44 17.09
CA CYS A 163 -12.10 3.34 16.24
C CYS A 163 -10.82 3.70 17.01
N VAL A 164 -10.86 4.82 17.72
CA VAL A 164 -9.71 5.30 18.52
C VAL A 164 -9.40 4.33 19.67
N GLU A 165 -10.44 3.74 20.26
CA GLU A 165 -10.28 2.78 21.35
C GLU A 165 -9.60 1.50 20.88
N TRP A 166 -9.97 1.01 19.70
CA TRP A 166 -9.28 -0.14 19.08
C TRP A 166 -7.82 0.20 18.82
N LEU A 167 -7.58 1.37 18.21
CA LEU A 167 -6.22 1.80 17.88
C LEU A 167 -5.34 1.79 19.13
N ARG A 168 -5.81 2.44 20.19
CA ARG A 168 -5.11 2.46 21.48
C ARG A 168 -4.82 1.07 22.04
N ARG A 169 -5.82 0.19 21.95
CA ARG A 169 -5.66 -1.20 22.37
C ARG A 169 -4.54 -1.87 21.58
N TYR A 170 -4.58 -1.73 20.27
CA TYR A 170 -3.57 -2.37 19.40
C TYR A 170 -2.18 -1.81 19.64
N LEU A 171 -2.06 -0.49 19.81
CA LEU A 171 -0.76 0.14 19.99
C LEU A 171 -0.07 -0.36 21.26
N GLU A 172 -0.84 -0.59 22.32
CA GLU A 172 -0.31 -1.16 23.56
C GLU A 172 0.06 -2.63 23.38
N ASN A 173 -0.86 -3.44 22.87
CA ASN A 173 -0.61 -4.88 22.73
C ASN A 173 0.54 -5.19 21.77
N GLY A 174 0.72 -4.35 20.75
CA GLY A 174 1.82 -4.49 19.81
C GLY A 174 2.99 -3.51 19.99
N LYS A 175 3.11 -2.90 21.16
CA LYS A 175 4.06 -1.81 21.37
C LYS A 175 5.51 -2.14 20.99
N GLU A 176 5.94 -3.39 21.19
CA GLU A 176 7.33 -3.80 20.88
C GLU A 176 7.72 -3.48 19.44
N THR A 177 6.76 -3.63 18.52
CA THR A 177 6.95 -3.28 17.12
C THR A 177 6.31 -1.95 16.74
N LEU A 178 5.02 -1.78 17.06
CA LEU A 178 4.25 -0.61 16.60
C LEU A 178 4.74 0.74 17.13
N GLN A 179 5.30 0.78 18.34
CA GLN A 179 5.85 2.01 18.92
C GLN A 179 7.38 2.08 18.89
N ARG A 180 8.00 1.20 18.10
CA ARG A 180 9.43 1.22 17.83
C ARG A 180 9.62 1.81 16.45
N THR A 181 10.54 2.78 16.35
CA THR A 181 10.98 3.27 15.06
C THR A 181 12.20 2.49 14.65
N ASP A 182 12.30 2.15 13.37
CA ASP A 182 13.51 1.58 12.80
C ASP A 182 14.13 2.63 11.90
N ALA A 183 15.24 3.20 12.35
CA ALA A 183 15.93 4.24 11.59
C ALA A 183 16.57 3.62 10.35
N PRO A 184 16.57 4.36 9.23
CA PRO A 184 17.14 3.80 8.01
C PRO A 184 18.62 3.47 8.13
N LYS A 185 19.00 2.33 7.59
CA LYS A 185 20.40 1.97 7.41
C LYS A 185 20.82 2.62 6.09
N THR A 186 21.71 3.61 6.19
CA THR A 186 22.12 4.39 5.01
C THR A 186 23.52 4.06 4.54
N HIS A 187 23.68 4.08 3.22
CA HIS A 187 24.99 4.07 2.60
C HIS A 187 24.88 4.68 1.19
N MET A 188 26.04 4.91 0.59
CA MET A 188 26.12 5.49 -0.74
C MET A 188 26.91 4.55 -1.65
N THR A 189 26.47 4.41 -2.90
CA THR A 189 27.21 3.71 -3.94
C THR A 189 27.60 4.67 -5.07
N HIS A 190 28.54 4.23 -5.91
CA HIS A 190 29.17 5.03 -6.96
C HIS A 190 29.21 4.26 -8.28
N HIS A 191 28.56 4.78 -9.31
CA HIS A 191 28.45 4.11 -10.62
C HIS A 191 29.02 5.02 -11.75
N ALA A 192 30.15 4.61 -12.33
CA ALA A 192 30.80 5.38 -13.41
C ALA A 192 30.03 5.25 -14.73
N VAL A 193 29.42 6.36 -15.16
CA VAL A 193 28.58 6.42 -16.36
C VAL A 193 29.42 6.64 -17.64
N SER A 194 30.53 7.36 -17.47
CA SER A 194 31.54 7.54 -18.52
C SER A 194 32.87 7.87 -17.83
N ASP A 195 33.87 8.27 -18.61
CA ASP A 195 35.11 8.83 -18.04
C ASP A 195 34.86 10.19 -17.39
N HIS A 196 33.81 10.90 -17.81
CA HIS A 196 33.54 12.27 -17.38
C HIS A 196 32.60 12.40 -16.19
N GLU A 197 31.69 11.44 -16.02
CA GLU A 197 30.63 11.57 -15.01
C GLU A 197 30.33 10.27 -14.27
N ALA A 198 29.73 10.44 -13.09
CA ALA A 198 29.40 9.35 -12.18
C ALA A 198 28.02 9.57 -11.56
N THR A 199 27.35 8.47 -11.22
CA THR A 199 26.07 8.49 -10.52
C THR A 199 26.33 8.11 -9.09
N LEU A 200 25.99 9.01 -8.16
CA LEU A 200 25.98 8.70 -6.73
C LEU A 200 24.57 8.31 -6.36
N ARG A 201 24.43 7.19 -5.66
CA ARG A 201 23.15 6.73 -5.17
C ARG A 201 23.20 6.62 -3.65
N CYS A 202 22.23 7.26 -3.00
CA CYS A 202 22.07 7.25 -1.55
C CYS A 202 20.95 6.28 -1.17
N TRP A 203 21.28 5.27 -0.37
CA TRP A 203 20.32 4.20 -0.01
C TRP A 203 19.78 4.39 1.39
N ALA A 204 18.50 4.12 1.55
CA ALA A 204 17.89 4.06 2.88
C ALA A 204 17.18 2.72 2.98
N LEU A 205 17.65 1.88 3.89
CA LEU A 205 17.17 0.50 3.97
C LEU A 205 16.64 0.21 5.35
N SER A 206 15.69 -0.71 5.39
CA SER A 206 15.20 -1.34 6.62
C SER A 206 14.59 -0.36 7.63
N PHE A 207 13.85 0.62 7.12
CA PHE A 207 13.27 1.65 7.96
C PHE A 207 11.77 1.45 8.17
N TYR A 208 11.28 1.97 9.28
CA TYR A 208 9.85 1.94 9.64
C TYR A 208 9.59 3.13 10.58
N PRO A 209 8.52 3.91 10.41
CA PRO A 209 7.52 3.78 9.35
C PRO A 209 8.03 4.20 7.96
N ALA A 210 7.15 4.07 6.97
CA ALA A 210 7.52 4.24 5.57
C ALA A 210 7.84 5.69 5.19
N GLU A 211 7.27 6.65 5.91
CA GLU A 211 7.48 8.07 5.63
C GLU A 211 8.98 8.45 5.74
N ILE A 212 9.53 9.06 4.71
CA ILE A 212 10.96 9.44 4.69
C ILE A 212 11.26 10.54 3.64
N THR A 213 12.26 11.37 3.92
CA THR A 213 12.72 12.37 2.93
C THR A 213 14.21 12.20 2.64
N LEU A 214 14.52 12.01 1.35
CA LEU A 214 15.90 11.95 0.86
C LEU A 214 16.12 13.15 -0.04
N THR A 215 17.13 13.96 0.28
CA THR A 215 17.47 15.13 -0.51
C THR A 215 18.97 15.21 -0.76
N TRP A 216 19.32 15.74 -1.94
CA TRP A 216 20.70 15.98 -2.31
C TRP A 216 21.02 17.46 -2.20
N GLN A 217 22.22 17.77 -1.74
CA GLN A 217 22.75 19.14 -1.82
C GLN A 217 24.08 19.14 -2.58
N ARG A 218 24.43 20.29 -3.16
CA ARG A 218 25.75 20.53 -3.75
C ARG A 218 26.34 21.78 -3.12
N ASP A 219 27.51 21.63 -2.52
CA ASP A 219 28.16 22.69 -1.73
C ASP A 219 27.29 23.25 -0.57
N GLY A 220 26.33 22.45 -0.11
CA GLY A 220 25.36 22.86 0.91
C GLY A 220 24.08 23.52 0.40
N GLU A 221 23.71 23.29 -0.87
CA GLU A 221 22.53 23.94 -1.48
C GLU A 221 21.63 22.94 -2.21
N ASP A 222 20.33 22.95 -1.88
CA ASP A 222 19.36 22.00 -2.44
C ASP A 222 19.46 21.89 -3.96
N GLN A 223 19.71 20.68 -4.45
CA GLN A 223 19.79 20.42 -5.87
C GLN A 223 18.67 19.49 -6.32
N THR A 224 17.93 19.90 -7.36
CA THR A 224 16.87 19.10 -7.97
C THR A 224 17.31 18.50 -9.31
N GLN A 225 18.07 19.26 -10.09
CA GLN A 225 18.47 18.82 -11.43
C GLN A 225 19.40 17.60 -11.42
N ASP A 226 19.20 16.73 -12.42
CA ASP A 226 19.95 15.49 -12.59
C ASP A 226 19.87 14.53 -11.40
N THR A 227 18.75 14.57 -10.67
CA THR A 227 18.46 13.63 -9.58
C THR A 227 17.36 12.67 -10.00
N GLU A 228 17.19 11.61 -9.22
CA GLU A 228 16.21 10.56 -9.48
C GLU A 228 15.84 9.92 -8.15
N LEU A 229 14.56 10.00 -7.79
CA LEU A 229 14.06 9.59 -6.48
C LEU A 229 13.06 8.47 -6.74
N VAL A 230 13.39 7.22 -6.38
CA VAL A 230 12.39 6.13 -6.52
C VAL A 230 11.32 6.18 -5.45
N GLU A 231 10.19 5.57 -5.79
CA GLU A 231 9.07 5.38 -4.90
C GLU A 231 9.54 4.44 -3.79
N THR A 232 9.13 4.75 -2.56
CA THR A 232 9.40 3.94 -1.39
C THR A 232 8.74 2.57 -1.57
N ARG A 233 9.50 1.52 -1.26
CA ARG A 233 9.08 0.16 -1.57
C ARG A 233 9.21 -0.72 -0.33
N PRO A 234 8.35 -1.75 -0.19
CA PRO A 234 8.45 -2.66 0.94
C PRO A 234 9.59 -3.67 0.79
N ALA A 235 10.36 -3.87 1.85
CA ALA A 235 11.39 -4.91 1.88
C ALA A 235 10.81 -6.34 1.94
N GLY A 236 9.62 -6.49 2.51
CA GLY A 236 8.95 -7.78 2.66
C GLY A 236 8.95 -8.30 4.08
N ASP A 237 9.78 -7.71 4.94
CA ASP A 237 9.86 -8.07 6.36
C ASP A 237 9.18 -7.04 7.27
N GLY A 238 8.35 -6.17 6.68
CA GLY A 238 7.69 -5.10 7.41
C GLY A 238 8.41 -3.75 7.37
N THR A 239 9.64 -3.70 6.86
CA THR A 239 10.36 -2.44 6.73
C THR A 239 10.30 -1.97 5.29
N PHE A 240 10.89 -0.80 5.03
CA PHE A 240 10.85 -0.18 3.73
C PHE A 240 12.21 0.25 3.23
N GLN A 241 12.27 0.49 1.92
CA GLN A 241 13.48 0.88 1.24
C GLN A 241 13.20 2.08 0.34
N LYS A 242 14.22 2.87 0.11
CA LYS A 242 14.15 3.98 -0.84
C LYS A 242 15.56 4.37 -1.24
N TRP A 243 15.71 4.90 -2.43
CA TRP A 243 16.96 5.51 -2.85
C TRP A 243 16.76 6.76 -3.68
N ALA A 244 17.78 7.60 -3.65
CA ALA A 244 17.86 8.80 -4.47
C ALA A 244 19.26 8.84 -5.09
N ALA A 245 19.33 9.24 -6.35
CA ALA A 245 20.59 9.27 -7.07
C ALA A 245 20.81 10.65 -7.68
N VAL A 246 22.08 10.98 -7.91
CA VAL A 246 22.46 12.23 -8.55
C VAL A 246 23.62 11.93 -9.48
N VAL A 247 23.58 12.54 -10.67
CA VAL A 247 24.65 12.40 -11.65
C VAL A 247 25.57 13.61 -11.46
N VAL A 248 26.87 13.34 -11.36
CA VAL A 248 27.85 14.37 -11.05
C VAL A 248 29.07 14.30 -11.96
N PRO A 249 29.78 15.45 -12.14
CA PRO A 249 31.07 15.39 -12.83
C PRO A 249 32.07 14.60 -12.01
N SER A 250 32.84 13.77 -12.70
CA SER A 250 33.83 12.91 -12.09
C SER A 250 34.91 13.78 -11.46
N GLY A 251 35.30 13.46 -10.21
CA GLY A 251 36.17 14.32 -9.41
C GLY A 251 35.48 15.32 -8.49
N GLN A 252 34.18 15.55 -8.69
CA GLN A 252 33.40 16.49 -7.88
C GLN A 252 32.49 15.81 -6.87
N GLU A 253 32.66 14.51 -6.71
CA GLU A 253 31.80 13.70 -5.82
C GLU A 253 31.70 14.32 -4.43
N GLN A 254 32.83 14.83 -3.93
CA GLN A 254 32.93 15.45 -2.60
C GLN A 254 32.04 16.68 -2.35
N ARG A 255 31.66 17.41 -3.41
CA ARG A 255 30.74 18.55 -3.28
C ARG A 255 29.32 18.16 -2.83
N TYR A 256 28.94 16.91 -3.09
CA TYR A 256 27.55 16.52 -2.96
C TYR A 256 27.31 15.81 -1.64
N THR A 257 26.15 16.04 -1.03
CA THR A 257 25.76 15.39 0.21
C THR A 257 24.32 14.92 0.15
N CYS A 258 24.09 13.71 0.66
CA CYS A 258 22.75 13.16 0.76
C CYS A 258 22.23 13.43 2.17
N HIS A 259 21.00 13.93 2.25
CA HIS A 259 20.39 14.28 3.53
C HIS A 259 19.16 13.42 3.78
N VAL A 260 19.13 12.77 4.95
CA VAL A 260 18.09 11.80 5.29
C VAL A 260 17.33 12.22 6.55
N GLN A 261 16.03 12.40 6.39
CA GLN A 261 15.13 12.75 7.49
C GLN A 261 14.18 11.60 7.74
N HIS A 262 14.08 11.18 9.00
CA HIS A 262 13.18 10.09 9.40
C HIS A 262 12.83 10.23 10.87
N GLU A 263 11.64 9.74 11.26
CA GLU A 263 11.17 9.80 12.65
C GLU A 263 12.13 9.12 13.64
N GLY A 264 12.74 8.03 13.20
CA GLY A 264 13.76 7.31 13.96
C GLY A 264 15.14 7.95 14.12
N LEU A 265 15.36 9.10 13.48
CA LEU A 265 16.63 9.83 13.56
C LEU A 265 16.44 11.12 14.39
N PRO A 266 17.10 11.22 15.57
CA PRO A 266 17.01 12.45 16.38
C PRO A 266 17.38 13.72 15.61
N LYS A 267 18.59 13.77 15.06
CA LYS A 267 18.99 14.78 14.09
C LYS A 267 19.06 14.11 12.72
N PRO A 268 18.72 14.83 11.63
CA PRO A 268 18.94 14.33 10.26
C PRO A 268 20.38 13.86 9.97
N LEU A 269 20.52 12.86 9.09
CA LEU A 269 21.83 12.31 8.70
C LEU A 269 22.32 12.95 7.43
N THR A 270 23.64 13.02 7.30
CA THR A 270 24.31 13.52 6.12
C THR A 270 25.34 12.49 5.69
N LEU A 271 25.31 12.12 4.41
CA LEU A 271 26.30 11.23 3.84
C LEU A 271 27.07 11.97 2.76
N ARG A 272 28.30 11.53 2.52
CA ARG A 272 29.19 12.14 1.55
C ARG A 272 30.16 11.09 1.04
N TRP A 273 30.50 11.14 -0.25
CA TRP A 273 31.50 10.24 -0.81
C TRP A 273 32.90 10.81 -0.60
N MET B 1 -14.46 2.95 -17.03
CA MET B 1 -13.37 2.64 -16.05
C MET B 1 -12.06 3.34 -16.45
N ILE B 2 -11.34 3.90 -15.47
CA ILE B 2 -9.99 4.44 -15.74
C ILE B 2 -9.02 3.25 -15.78
N GLN B 3 -7.90 3.46 -16.47
CA GLN B 3 -6.88 2.42 -16.61
C GLN B 3 -5.50 3.04 -16.38
N ARG B 4 -4.85 2.64 -15.30
CA ARG B 4 -3.51 3.10 -14.94
C ARG B 4 -2.52 1.96 -15.09
N THR B 5 -1.38 2.26 -15.71
CA THR B 5 -0.36 1.25 -15.98
C THR B 5 0.48 1.01 -14.72
N PRO B 6 0.89 -0.26 -14.47
CA PRO B 6 1.71 -0.52 -13.29
C PRO B 6 3.15 -0.03 -13.41
N LYS B 7 3.61 0.63 -12.36
CA LYS B 7 5.03 0.87 -12.15
C LYS B 7 5.58 -0.39 -11.50
N ILE B 8 6.82 -0.72 -11.84
CA ILE B 8 7.44 -1.97 -11.47
C ILE B 8 8.82 -1.68 -10.90
N GLN B 9 9.12 -2.28 -9.75
CA GLN B 9 10.47 -2.29 -9.21
C GLN B 9 10.81 -3.73 -8.90
N VAL B 10 11.99 -4.16 -9.33
CA VAL B 10 12.49 -5.50 -9.06
C VAL B 10 13.76 -5.33 -8.24
N TYR B 11 13.83 -6.03 -7.11
CA TYR B 11 14.89 -5.81 -6.14
C TYR B 11 14.95 -6.94 -5.13
N SER B 12 16.11 -7.05 -4.46
CA SER B 12 16.30 -7.98 -3.35
C SER B 12 16.04 -7.31 -2.01
N ARG B 13 15.57 -8.09 -1.04
CA ARG B 13 15.31 -7.59 0.32
C ARG B 13 16.58 -7.08 0.98
N HIS B 14 17.68 -7.81 0.84
CA HIS B 14 18.97 -7.47 1.45
C HIS B 14 20.01 -7.24 0.36
N PRO B 15 21.12 -6.54 0.68
CA PRO B 15 22.24 -6.43 -0.25
C PRO B 15 22.69 -7.81 -0.75
N ALA B 16 22.85 -7.95 -2.06
CA ALA B 16 23.04 -9.26 -2.68
C ALA B 16 24.50 -9.68 -2.60
N GLU B 17 24.74 -10.85 -2.02
CA GLU B 17 26.04 -11.51 -2.05
C GLU B 17 25.85 -12.91 -2.59
N ASN B 18 26.79 -13.37 -3.42
CA ASN B 18 26.68 -14.70 -4.02
C ASN B 18 26.73 -15.79 -2.96
N GLY B 19 25.85 -16.77 -3.10
CA GLY B 19 25.78 -17.88 -2.17
C GLY B 19 25.09 -17.60 -0.84
N LYS B 20 24.52 -16.41 -0.67
CA LYS B 20 23.80 -16.04 0.56
C LYS B 20 22.31 -15.86 0.29
N SER B 21 21.51 -16.71 0.94
CA SER B 21 20.05 -16.68 0.86
C SER B 21 19.49 -15.26 1.02
N ASN B 22 18.46 -14.96 0.23
CA ASN B 22 17.91 -13.63 0.12
C ASN B 22 16.43 -13.75 -0.32
N PHE B 23 15.78 -12.62 -0.59
CA PHE B 23 14.41 -12.59 -1.08
C PHE B 23 14.36 -11.68 -2.31
N LEU B 24 13.76 -12.20 -3.40
CA LEU B 24 13.61 -11.43 -4.64
C LEU B 24 12.21 -10.85 -4.69
N ASN B 25 12.13 -9.53 -4.83
CA ASN B 25 10.87 -8.78 -4.83
C ASN B 25 10.53 -8.15 -6.17
N CYS B 26 9.27 -8.27 -6.56
CA CYS B 26 8.69 -7.45 -7.60
C CYS B 26 7.53 -6.67 -7.03
N TYR B 27 7.71 -5.35 -6.91
CA TYR B 27 6.70 -4.46 -6.36
C TYR B 27 5.97 -3.78 -7.51
N VAL B 28 4.67 -4.03 -7.61
CA VAL B 28 3.83 -3.40 -8.61
C VAL B 28 2.86 -2.44 -7.93
N SER B 29 2.79 -1.22 -8.44
CA SER B 29 2.00 -0.17 -7.83
C SER B 29 1.42 0.77 -8.88
N GLY B 30 0.48 1.62 -8.45
CA GLY B 30 -0.08 2.66 -9.32
C GLY B 30 -1.03 2.17 -10.40
N PHE B 31 -1.52 0.93 -10.29
CA PHE B 31 -2.32 0.32 -11.37
C PHE B 31 -3.81 0.18 -11.07
N HIS B 32 -4.58 0.08 -12.16
CA HIS B 32 -6.02 -0.06 -12.12
C HIS B 32 -6.46 -0.54 -13.51
N PRO B 33 -7.33 -1.55 -13.63
CA PRO B 33 -7.93 -2.30 -12.51
C PRO B 33 -6.96 -3.27 -11.80
N SER B 34 -7.47 -3.98 -10.79
CA SER B 34 -6.65 -4.81 -9.92
C SER B 34 -6.15 -6.12 -10.53
N ASP B 35 -6.86 -6.66 -11.52
CA ASP B 35 -6.45 -7.95 -12.10
C ASP B 35 -5.14 -7.75 -12.87
N ILE B 36 -4.13 -8.49 -12.46
CA ILE B 36 -2.76 -8.36 -12.98
C ILE B 36 -2.08 -9.72 -12.88
N GLU B 37 -1.17 -10.00 -13.80
CA GLU B 37 -0.41 -11.25 -13.81
C GLU B 37 1.05 -10.87 -13.55
N VAL B 38 1.63 -11.40 -12.49
CA VAL B 38 3.03 -11.09 -12.14
C VAL B 38 3.80 -12.37 -11.89
N ASP B 39 4.91 -12.55 -12.60
CA ASP B 39 5.79 -13.71 -12.45
C ASP B 39 7.23 -13.28 -12.26
N LEU B 40 7.95 -14.04 -11.44
CA LEU B 40 9.39 -13.90 -11.29
C LEU B 40 10.07 -14.95 -12.15
N LEU B 41 11.04 -14.51 -12.95
CA LEU B 41 11.75 -15.38 -13.88
C LEU B 41 13.19 -15.62 -13.43
N LYS B 42 13.64 -16.87 -13.46
CA LYS B 42 15.04 -17.23 -13.29
C LYS B 42 15.58 -17.72 -14.63
N ASN B 43 16.45 -16.93 -15.25
CA ASN B 43 16.98 -17.23 -16.58
C ASN B 43 15.85 -17.51 -17.59
N GLY B 44 14.88 -16.60 -17.64
CA GLY B 44 13.72 -16.72 -18.54
C GLY B 44 12.60 -17.66 -18.11
N GLU B 45 12.86 -18.58 -17.19
CA GLU B 45 11.89 -19.59 -16.78
C GLU B 45 11.17 -19.13 -15.50
N ARG B 46 9.85 -19.28 -15.50
CA ARG B 46 8.98 -18.89 -14.39
C ARG B 46 9.35 -19.64 -13.11
N ILE B 47 9.40 -18.92 -11.98
CA ILE B 47 9.64 -19.53 -10.66
C ILE B 47 8.29 -19.93 -10.06
N GLU B 48 8.26 -21.11 -9.43
CA GLU B 48 7.00 -21.76 -8.99
C GLU B 48 6.55 -21.37 -7.59
N LYS B 49 7.50 -21.20 -6.66
CA LYS B 49 7.18 -20.86 -5.26
C LYS B 49 7.21 -19.34 -5.06
N VAL B 50 6.23 -18.66 -5.65
CA VAL B 50 6.10 -17.20 -5.58
C VAL B 50 4.85 -16.87 -4.76
N GLU B 51 5.06 -16.08 -3.71
CA GLU B 51 3.97 -15.59 -2.86
C GLU B 51 3.73 -14.12 -3.17
N HIS B 52 2.59 -13.60 -2.72
CA HIS B 52 2.29 -12.19 -2.86
C HIS B 52 1.50 -11.63 -1.69
N SER B 53 1.52 -10.31 -1.54
CA SER B 53 0.82 -9.63 -0.47
C SER B 53 -0.70 -9.58 -0.73
N ASP B 54 -1.44 -9.11 0.26
CA ASP B 54 -2.88 -8.88 0.09
C ASP B 54 -3.13 -7.54 -0.57
N LEU B 55 -3.95 -7.55 -1.61
CA LEU B 55 -4.28 -6.38 -2.40
C LEU B 55 -4.71 -5.21 -1.52
N SER B 56 -3.99 -4.10 -1.66
CA SER B 56 -4.37 -2.83 -1.06
C SER B 56 -4.15 -1.69 -2.06
N PHE B 57 -4.50 -0.48 -1.66
CA PHE B 57 -4.39 0.69 -2.51
C PHE B 57 -4.00 1.96 -1.78
N SER B 58 -3.58 2.94 -2.56
CA SER B 58 -3.11 4.24 -2.08
C SER B 58 -4.27 5.23 -2.05
N LYS B 59 -3.96 6.44 -1.60
CA LYS B 59 -4.91 7.57 -1.52
C LYS B 59 -5.68 7.82 -2.83
N ASP B 60 -5.00 7.71 -3.97
CA ASP B 60 -5.61 7.91 -5.28
C ASP B 60 -6.34 6.67 -5.85
N TRP B 61 -6.57 5.65 -5.01
CA TRP B 61 -7.27 4.43 -5.36
C TRP B 61 -6.46 3.44 -6.23
N SER B 62 -5.22 3.76 -6.58
CA SER B 62 -4.44 2.83 -7.41
C SER B 62 -3.89 1.69 -6.54
N PHE B 63 -3.84 0.50 -7.11
CA PHE B 63 -3.52 -0.72 -6.35
C PHE B 63 -2.01 -0.92 -6.19
N TYR B 64 -1.63 -1.71 -5.19
CA TYR B 64 -0.23 -2.15 -5.05
C TYR B 64 -0.14 -3.57 -4.51
N LEU B 65 0.83 -4.33 -5.03
CA LEU B 65 1.10 -5.70 -4.58
C LEU B 65 2.60 -5.97 -4.54
N LEU B 66 3.01 -6.80 -3.59
CA LEU B 66 4.37 -7.27 -3.53
C LEU B 66 4.36 -8.74 -3.82
N TYR B 67 5.08 -9.14 -4.87
CA TYR B 67 5.34 -10.55 -5.17
C TYR B 67 6.76 -10.85 -4.75
N TYR B 68 6.97 -12.03 -4.17
CA TYR B 68 8.29 -12.39 -3.64
C TYR B 68 8.59 -13.88 -3.57
N THR B 69 9.89 -14.19 -3.60
CA THR B 69 10.37 -15.55 -3.43
C THR B 69 11.75 -15.54 -2.77
N GLU B 70 12.06 -16.57 -1.99
CA GLU B 70 13.42 -16.79 -1.47
C GLU B 70 14.29 -17.21 -2.65
N PHE B 71 15.54 -16.75 -2.67
CA PHE B 71 16.51 -17.16 -3.68
C PHE B 71 17.92 -16.96 -3.15
N THR B 72 18.87 -17.67 -3.78
CA THR B 72 20.28 -17.53 -3.48
C THR B 72 20.95 -16.98 -4.74
N PRO B 73 21.35 -15.69 -4.74
CA PRO B 73 22.03 -15.16 -5.92
C PRO B 73 23.38 -15.79 -6.22
N THR B 74 23.72 -15.86 -7.50
CA THR B 74 25.00 -16.35 -7.98
C THR B 74 25.57 -15.30 -8.93
N GLU B 75 26.80 -15.52 -9.39
CA GLU B 75 27.40 -14.65 -10.42
C GLU B 75 26.61 -14.70 -11.73
N LYS B 76 26.23 -15.91 -12.16
CA LYS B 76 25.69 -16.15 -13.50
C LYS B 76 24.17 -15.93 -13.68
N ASP B 77 23.37 -16.35 -12.70
CA ASP B 77 21.91 -16.40 -12.86
C ASP B 77 21.23 -15.03 -13.09
N GLU B 78 20.37 -14.97 -14.11
CA GLU B 78 19.62 -13.77 -14.46
C GLU B 78 18.26 -13.85 -13.78
N TYR B 79 17.82 -12.76 -13.13
CA TYR B 79 16.47 -12.68 -12.57
C TYR B 79 15.69 -11.49 -13.14
N ALA B 80 14.37 -11.64 -13.21
CA ALA B 80 13.50 -10.62 -13.81
C ALA B 80 12.06 -10.76 -13.34
N CYS B 81 11.27 -9.70 -13.54
CA CYS B 81 9.85 -9.71 -13.23
C CYS B 81 9.07 -9.51 -14.52
N ARG B 82 8.10 -10.40 -14.76
CA ARG B 82 7.23 -10.32 -15.93
C ARG B 82 5.81 -9.96 -15.50
N VAL B 83 5.33 -8.84 -16.03
CA VAL B 83 4.03 -8.29 -15.62
C VAL B 83 3.12 -8.17 -16.83
N ASN B 84 1.89 -8.69 -16.71
CA ASN B 84 0.86 -8.42 -17.71
C ASN B 84 -0.39 -7.79 -17.10
N HIS B 85 -0.98 -6.87 -17.85
CA HIS B 85 -2.07 -6.04 -17.38
C HIS B 85 -2.77 -5.48 -18.62
N VAL B 86 -4.07 -5.27 -18.51
CA VAL B 86 -4.88 -4.78 -19.65
C VAL B 86 -4.28 -3.53 -20.33
N THR B 87 -3.63 -2.65 -19.56
CA THR B 87 -2.90 -1.48 -20.09
C THR B 87 -1.67 -1.77 -20.98
N LEU B 88 -1.25 -3.04 -21.09
CA LEU B 88 -0.04 -3.39 -21.83
C LEU B 88 -0.33 -4.24 -23.08
N SER B 89 0.14 -3.79 -24.24
CA SER B 89 0.01 -4.58 -25.49
C SER B 89 0.80 -5.92 -25.42
N GLN B 90 1.98 -5.89 -24.82
CA GLN B 90 2.77 -7.09 -24.55
C GLN B 90 3.18 -7.11 -23.07
N PRO B 91 3.39 -8.30 -22.48
CA PRO B 91 3.91 -8.38 -21.10
C PRO B 91 5.26 -7.64 -20.94
N LYS B 92 5.37 -6.78 -19.93
CA LYS B 92 6.60 -6.01 -19.65
C LYS B 92 7.54 -6.80 -18.75
N ILE B 93 8.82 -6.87 -19.16
CA ILE B 93 9.86 -7.59 -18.41
C ILE B 93 10.83 -6.56 -17.84
N VAL B 94 10.99 -6.57 -16.52
CA VAL B 94 11.95 -5.69 -15.87
C VAL B 94 13.00 -6.60 -15.24
N LYS B 95 14.26 -6.35 -15.60
CA LYS B 95 15.38 -7.18 -15.15
C LYS B 95 15.83 -6.70 -13.77
N TRP B 96 16.18 -7.66 -12.93
CA TRP B 96 16.84 -7.36 -11.66
C TRP B 96 18.27 -6.90 -11.94
N ASP B 97 18.55 -5.63 -11.66
CA ASP B 97 19.92 -5.15 -11.60
C ASP B 97 20.36 -5.30 -10.14
N ARG B 98 21.66 -5.41 -9.90
CA ARG B 98 22.14 -5.44 -8.53
C ARG B 98 22.00 -4.08 -7.86
N ASP B 99 22.07 -3.00 -8.65
CA ASP B 99 21.62 -1.66 -8.24
C ASP B 99 21.00 -0.93 -9.48
N MET B 100 19.68 -1.00 -9.71
CA MET B 100 18.74 -1.88 -9.00
C MET B 100 17.65 -2.47 -9.92
N GLY C 1 -10.59 -2.90 14.98
CA GLY C 1 -11.98 -3.46 14.95
C GLY C 1 -12.87 -2.74 13.95
N LEU C 2 -13.61 -3.51 13.15
CA LEU C 2 -14.43 -2.98 12.06
C LEU C 2 -15.66 -2.22 12.56
N LEU C 3 -16.13 -1.29 11.72
CA LEU C 3 -17.45 -0.68 11.84
C LEU C 3 -18.53 -1.74 12.07
N PRO C 4 -19.45 -1.53 13.04
CA PRO C 4 -20.54 -2.49 13.23
C PRO C 4 -21.57 -2.55 12.09
N GLU C 5 -21.87 -1.42 11.46
CA GLU C 5 -22.85 -1.35 10.37
C GLU C 5 -22.30 -0.49 9.23
N LEU C 6 -21.93 -1.12 8.13
CA LEU C 6 -21.46 -0.43 6.95
C LEU C 6 -22.67 0.14 6.19
N PRO C 7 -22.62 1.44 5.81
CA PRO C 7 -23.69 1.97 4.95
C PRO C 7 -23.59 1.49 3.50
N ALA C 8 -24.73 1.12 2.93
CA ALA C 8 -24.86 0.72 1.54
C ALA C 8 -25.12 1.95 0.66
N VAL C 9 -24.48 2.02 -0.51
CA VAL C 9 -24.61 3.20 -1.38
C VAL C 9 -26.01 3.44 -1.94
N GLY C 10 -26.82 2.37 -2.03
CA GLY C 10 -28.24 2.45 -2.39
C GLY C 10 -29.21 2.32 -1.24
N GLY C 11 -28.77 2.60 -0.01
CA GLY C 11 -29.67 2.64 1.16
C GLY C 11 -30.21 1.29 1.61
#